data_1DIM
#
_entry.id   1DIM
#
_cell.length_a   47.400
_cell.length_b   82.300
_cell.length_c   91.700
_cell.angle_alpha   90.00
_cell.angle_beta   90.00
_cell.angle_gamma   90.00
#
_symmetry.space_group_name_H-M   'P 21 21 21'
#
loop_
_entity.id
_entity.type
_entity.pdbx_description
1 polymer SIALIDASE
2 non-polymer 'POTASSIUM ION'
3 non-polymer (1R)-4-acetamido-1,5-anhydro-2,4-dideoxy-1-phosphono-D-glycero-D-galacto-octitol
4 water water
#
_entity_poly.entity_id   1
_entity_poly.type   'polypeptide(L)'
_entity_poly.pdbx_seq_one_letter_code
;TVEKSVVFKAEGEHFTDQKGNTIVGSGSGGTTKYFRIPAMCTTSKGTIVVFADARHNTASDQSFIDTAAARSTDGGKTWN
KKIAIYNDRVNSKLSRVMDPTCIVANIQGRETILVMVGKWNNNDKTWGAYRDKAPDTDWDLVLYKSTDDGVTFSKVETNI
HDIVTKNGTISAMLGGVGSGLQLNDGKLVFPVQMVRTKNITTVLNTSFIYSTDGITWSLPSGYCEGFGSENNIIEFNASL
VNNIRNSGLRRSFETKDFGKTWTEFPPMDKKVDNRNHGVQGSTITIPSGNKLVAAHSSAQNKNNDYTRSDISLYAHNLYS
GEVKLIDDFYPKVGNASGAGYSCLSYRKNVDKETLYVVYEANGSIEFQDLSRHLPVIKSYN
;
_entity_poly.pdbx_strand_id   A
#
loop_
_chem_comp.id
_chem_comp.type
_chem_comp.name
_chem_comp.formula
EQP D-saccharide (1R)-4-acetamido-1,5-anhydro-2,4-dideoxy-1-phosphono-D-glycero-D-galacto-octitol 'C10 H20 N O9 P'
K non-polymer 'POTASSIUM ION' 'K 1'
#
# COMPACT_ATOMS: atom_id res chain seq x y z
N THR A 1 19.86 11.80 4.79
CA THR A 1 19.97 10.34 5.07
C THR A 1 20.73 9.78 3.88
N VAL A 2 20.59 8.48 3.60
CA VAL A 2 21.25 7.92 2.42
C VAL A 2 20.37 8.41 1.26
N GLU A 3 20.94 8.58 0.06
CA GLU A 3 20.12 9.01 -1.06
C GLU A 3 19.37 7.83 -1.67
N LYS A 4 20.04 6.69 -1.82
CA LYS A 4 19.42 5.50 -2.41
C LYS A 4 20.02 4.22 -1.84
N SER A 5 19.18 3.23 -1.56
CA SER A 5 19.68 1.96 -1.05
C SER A 5 18.73 0.86 -1.44
N VAL A 6 19.19 -0.38 -1.37
CA VAL A 6 18.36 -1.53 -1.69
C VAL A 6 17.83 -2.06 -0.37
N VAL A 7 16.51 -2.13 -0.24
CA VAL A 7 15.92 -2.60 1.00
C VAL A 7 15.91 -4.13 1.03
N PHE A 8 15.37 -4.75 -0.03
CA PHE A 8 15.30 -6.20 -0.14
C PHE A 8 15.92 -6.54 -1.48
N LYS A 9 16.87 -7.46 -1.50
CA LYS A 9 17.55 -7.83 -2.73
C LYS A 9 17.00 -9.11 -3.33
N ALA A 10 16.51 -9.03 -4.56
CA ALA A 10 16.00 -10.21 -5.25
C ALA A 10 17.13 -11.25 -5.28
N GLU A 11 16.81 -12.47 -4.89
CA GLU A 11 17.78 -13.56 -4.87
C GLU A 11 18.99 -13.28 -3.98
N GLY A 12 18.81 -12.42 -2.98
CA GLY A 12 19.90 -12.10 -2.08
C GLY A 12 19.52 -12.03 -0.60
N GLU A 13 18.32 -12.50 -0.25
CA GLU A 13 17.88 -12.48 1.15
C GLU A 13 17.55 -13.89 1.62
N HIS A 14 17.81 -14.15 2.89
CA HIS A 14 17.50 -15.45 3.50
C HIS A 14 16.70 -15.15 4.74
N PHE A 15 15.51 -15.73 4.83
CA PHE A 15 14.64 -15.54 5.99
C PHE A 15 14.49 -16.85 6.73
N THR A 16 14.11 -16.80 7.99
CA THR A 16 13.91 -18.01 8.77
C THR A 16 12.44 -18.03 9.16
N ASP A 17 11.91 -19.22 9.39
CA ASP A 17 10.53 -19.34 9.79
C ASP A 17 10.39 -19.16 11.30
N GLN A 18 9.19 -19.38 11.81
CA GLN A 18 8.94 -19.21 13.23
C GLN A 18 9.67 -20.21 14.13
N LYS A 19 10.21 -21.26 13.53
CA LYS A 19 10.95 -22.27 14.29
C LYS A 19 12.46 -22.04 14.18
N GLY A 20 12.87 -21.04 13.41
CA GLY A 20 14.28 -20.77 13.25
C GLY A 20 14.90 -21.46 12.05
N ASN A 21 14.10 -22.21 11.31
CA ASN A 21 14.59 -22.90 10.11
C ASN A 21 14.62 -21.95 8.94
N THR A 22 15.63 -22.08 8.07
CA THR A 22 15.69 -21.19 6.93
C THR A 22 14.62 -21.54 5.90
N ILE A 23 14.06 -20.52 5.29
CA ILE A 23 13.04 -20.70 4.26
C ILE A 23 13.82 -20.80 2.95
N VAL A 24 13.78 -21.97 2.33
CA VAL A 24 14.51 -22.17 1.07
C VAL A 24 13.66 -21.74 -0.13
N GLY A 25 13.99 -20.58 -0.68
CA GLY A 25 13.26 -20.06 -1.83
C GLY A 25 13.88 -20.55 -3.13
N SER A 26 13.38 -20.03 -4.24
CA SER A 26 13.86 -20.41 -5.57
C SER A 26 14.98 -19.55 -6.11
N GLY A 27 15.40 -18.56 -5.32
CA GLY A 27 16.49 -17.71 -5.74
C GLY A 27 17.80 -18.46 -5.62
N SER A 28 18.86 -17.95 -6.23
CA SER A 28 20.16 -18.60 -6.17
C SER A 28 20.57 -18.79 -4.73
N GLY A 29 21.02 -19.99 -4.41
CA GLY A 29 21.43 -20.30 -3.06
C GLY A 29 20.24 -20.48 -2.15
N GLY A 30 19.06 -20.69 -2.73
CA GLY A 30 17.87 -20.87 -1.94
C GLY A 30 17.33 -19.61 -1.30
N THR A 31 17.64 -18.47 -1.91
CA THR A 31 17.18 -17.17 -1.42
C THR A 31 15.75 -16.90 -1.90
N THR A 32 15.13 -15.86 -1.35
CA THR A 32 13.79 -15.46 -1.77
C THR A 32 13.93 -14.91 -3.20
N LYS A 33 13.13 -15.45 -4.09
CA LYS A 33 13.19 -15.11 -5.51
C LYS A 33 12.83 -13.69 -5.92
N TYR A 34 11.75 -13.15 -5.36
CA TYR A 34 11.28 -11.85 -5.83
C TYR A 34 10.52 -11.11 -4.74
N PHE A 35 10.62 -9.79 -4.76
CA PHE A 35 9.92 -8.95 -3.80
C PHE A 35 8.96 -8.03 -4.54
N ARG A 36 7.78 -7.84 -3.98
CA ARG A 36 6.80 -6.99 -4.60
C ARG A 36 5.96 -6.24 -3.57
N ILE A 37 5.22 -5.24 -4.06
CA ILE A 37 4.26 -4.47 -3.28
C ILE A 37 4.81 -3.83 -2.01
N PRO A 38 5.68 -2.83 -2.17
CA PRO A 38 6.24 -2.18 -0.98
C PRO A 38 5.29 -1.21 -0.29
N ALA A 39 5.35 -1.18 1.03
CA ALA A 39 4.54 -0.28 1.85
C ALA A 39 5.54 0.29 2.87
N MET A 40 5.48 1.59 3.12
CA MET A 40 6.41 2.20 4.03
C MET A 40 5.71 3.12 5.01
N CYS A 41 6.19 3.11 6.25
CA CYS A 41 5.63 3.94 7.30
C CYS A 41 6.82 4.44 8.14
N THR A 42 6.91 5.75 8.38
CA THR A 42 7.99 6.37 9.17
C THR A 42 7.44 6.82 10.53
N THR A 43 8.16 6.50 11.61
CA THR A 43 7.69 6.85 12.96
C THR A 43 8.23 8.20 13.46
N SER A 44 7.71 8.63 14.61
CA SER A 44 8.11 9.91 15.23
C SER A 44 9.56 9.85 15.68
N LYS A 45 10.14 8.66 15.71
CA LYS A 45 11.53 8.47 16.09
C LYS A 45 12.43 8.56 14.85
N GLY A 46 11.82 8.72 13.69
CA GLY A 46 12.58 8.79 12.45
C GLY A 46 12.83 7.42 11.87
N THR A 47 12.27 6.40 12.52
CA THR A 47 12.45 5.01 12.09
C THR A 47 11.64 4.73 10.84
N ILE A 48 12.29 4.06 9.88
CA ILE A 48 11.67 3.72 8.62
C ILE A 48 11.36 2.24 8.62
N VAL A 49 10.09 1.90 8.44
CA VAL A 49 9.69 0.49 8.41
C VAL A 49 9.10 0.23 7.03
N VAL A 50 9.66 -0.76 6.33
CA VAL A 50 9.21 -1.13 4.99
C VAL A 50 8.69 -2.56 4.97
N PHE A 51 7.53 -2.77 4.38
CA PHE A 51 6.95 -4.10 4.25
C PHE A 51 6.89 -4.42 2.78
N ALA A 52 6.95 -5.70 2.44
CA ALA A 52 6.87 -6.12 1.04
C ALA A 52 6.57 -7.60 1.00
N ASP A 53 5.94 -8.03 -0.09
CA ASP A 53 5.67 -9.45 -0.30
C ASP A 53 7.05 -10.09 -0.51
N ALA A 54 7.35 -11.16 0.22
CA ALA A 54 8.58 -11.92 0.00
C ALA A 54 8.02 -13.13 -0.79
N ARG A 55 8.05 -13.01 -2.12
CA ARG A 55 7.54 -14.07 -3.02
C ARG A 55 8.71 -15.04 -3.23
N HIS A 56 8.81 -15.98 -2.32
CA HIS A 56 9.91 -16.92 -2.29
C HIS A 56 10.25 -17.74 -3.51
N ASN A 57 9.22 -18.14 -4.24
CA ASN A 57 9.41 -19.01 -5.39
C ASN A 57 9.25 -18.41 -6.76
N THR A 58 8.35 -17.45 -6.91
CA THR A 58 8.09 -16.82 -8.21
C THR A 58 7.42 -15.49 -7.98
N ALA A 59 7.40 -14.65 -9.01
CA ALA A 59 6.76 -13.34 -8.92
C ALA A 59 5.25 -13.48 -9.06
N SER A 60 4.76 -14.67 -9.44
CA SER A 60 3.32 -14.89 -9.60
C SER A 60 2.56 -14.54 -8.34
N ASP A 61 1.36 -14.00 -8.54
CA ASP A 61 0.49 -13.62 -7.44
C ASP A 61 0.05 -14.83 -6.62
N GLN A 62 -0.34 -15.90 -7.31
CA GLN A 62 -0.78 -17.10 -6.60
C GLN A 62 0.44 -18.00 -6.39
N SER A 63 1.19 -17.70 -5.34
CA SER A 63 2.38 -18.45 -5.02
C SER A 63 2.62 -18.38 -3.51
N PHE A 64 3.73 -18.95 -3.07
CA PHE A 64 4.10 -19.01 -1.66
C PHE A 64 4.73 -17.66 -1.25
N ILE A 65 4.03 -16.93 -0.38
CA ILE A 65 4.44 -15.57 0.02
C ILE A 65 4.27 -15.27 1.50
N ASP A 66 5.25 -14.56 2.06
CA ASP A 66 5.24 -14.11 3.45
C ASP A 66 5.44 -12.60 3.40
N THR A 67 5.03 -11.89 4.44
CA THR A 67 5.26 -10.44 4.45
C THR A 67 6.56 -10.13 5.17
N ALA A 68 7.52 -9.58 4.45
CA ALA A 68 8.82 -9.23 5.02
C ALA A 68 8.75 -7.81 5.57
N ALA A 69 9.58 -7.51 6.55
CA ALA A 69 9.66 -6.16 7.14
C ALA A 69 11.13 -5.81 7.24
N ALA A 70 11.44 -4.57 6.93
CA ALA A 70 12.80 -4.07 6.99
C ALA A 70 12.71 -2.82 7.85
N ARG A 71 13.65 -2.65 8.77
CA ARG A 71 13.65 -1.49 9.63
C ARG A 71 14.99 -0.76 9.57
N SER A 72 14.95 0.56 9.42
CA SER A 72 16.18 1.35 9.38
C SER A 72 16.10 2.47 10.40
N THR A 73 17.14 2.60 11.19
CA THR A 73 17.20 3.65 12.19
C THR A 73 18.30 4.66 11.87
N ASP A 74 18.89 4.54 10.69
CA ASP A 74 19.96 5.44 10.28
C ASP A 74 19.66 6.15 8.95
N GLY A 75 18.37 6.44 8.74
CA GLY A 75 17.96 7.14 7.54
C GLY A 75 17.98 6.35 6.24
N GLY A 76 17.80 5.03 6.35
CA GLY A 76 17.78 4.19 5.17
C GLY A 76 19.12 3.73 4.65
N LYS A 77 20.17 3.84 5.45
CA LYS A 77 21.49 3.38 5.02
C LYS A 77 21.60 1.88 5.23
N THR A 78 21.19 1.39 6.39
CA THR A 78 21.25 -0.04 6.63
C THR A 78 19.87 -0.51 7.06
N TRP A 79 19.59 -1.79 6.82
CA TRP A 79 18.27 -2.36 7.10
C TRP A 79 18.35 -3.64 7.91
N ASN A 80 17.45 -3.77 8.87
CA ASN A 80 17.38 -4.96 9.70
C ASN A 80 16.11 -5.63 9.16
N LYS A 81 16.24 -6.85 8.67
CA LYS A 81 15.11 -7.53 8.05
C LYS A 81 14.64 -8.80 8.73
N LYS A 82 13.36 -9.10 8.54
CA LYS A 82 12.75 -10.30 9.08
C LYS A 82 11.36 -10.48 8.49
N ILE A 83 10.73 -11.60 8.78
CA ILE A 83 9.38 -11.83 8.31
C ILE A 83 8.44 -11.29 9.38
N ALA A 84 7.55 -10.37 8.99
CA ALA A 84 6.59 -9.80 9.94
C ALA A 84 5.34 -10.66 10.07
N ILE A 85 4.87 -11.22 8.97
CA ILE A 85 3.65 -12.04 8.99
C ILE A 85 3.90 -13.27 8.12
N TYR A 86 3.68 -14.45 8.71
CA TYR A 86 3.88 -15.70 8.00
C TYR A 86 2.57 -16.23 7.45
N ASN A 87 2.61 -16.82 6.24
CA ASN A 87 1.39 -17.39 5.68
C ASN A 87 1.11 -18.65 6.52
N ASP A 88 -0.10 -19.20 6.38
CA ASP A 88 -0.53 -20.37 7.14
C ASP A 88 0.22 -21.67 6.89
N ARG A 89 0.93 -21.73 5.76
CA ARG A 89 1.69 -22.91 5.39
C ARG A 89 0.83 -24.16 5.27
N VAL A 90 -0.35 -23.99 4.69
CA VAL A 90 -1.27 -25.09 4.47
C VAL A 90 -0.89 -25.78 3.16
N ASN A 91 -0.56 -24.96 2.17
CA ASN A 91 -0.22 -25.40 0.82
C ASN A 91 1.18 -24.82 0.51
N SER A 92 2.16 -25.66 0.25
CA SER A 92 3.52 -25.15 0.00
C SER A 92 3.70 -24.40 -1.32
N LYS A 93 2.70 -24.49 -2.18
CA LYS A 93 2.75 -23.82 -3.47
C LYS A 93 1.93 -22.54 -3.49
N LEU A 94 0.83 -22.53 -2.74
CA LEU A 94 -0.08 -21.41 -2.78
C LEU A 94 -0.35 -20.57 -1.53
N SER A 95 0.01 -21.06 -0.35
CA SER A 95 -0.27 -20.29 0.86
C SER A 95 0.40 -18.92 0.79
N ARG A 96 -0.33 -17.89 1.15
CA ARG A 96 0.22 -16.57 1.04
C ARG A 96 -0.47 -15.50 1.85
N VAL A 97 0.30 -14.46 2.18
CA VAL A 97 -0.18 -13.24 2.83
C VAL A 97 0.37 -12.24 1.82
N MET A 98 -0.47 -11.33 1.33
CA MET A 98 -0.01 -10.39 0.31
C MET A 98 -0.65 -9.01 0.26
N ASP A 99 0.02 -8.13 -0.47
CA ASP A 99 -0.40 -6.75 -0.73
C ASP A 99 -0.55 -5.90 0.51
N PRO A 100 0.57 -5.57 1.16
CA PRO A 100 0.46 -4.77 2.39
C PRO A 100 0.05 -3.32 2.26
N THR A 101 -0.64 -2.86 3.30
CA THR A 101 -1.05 -1.47 3.47
C THR A 101 -0.72 -1.18 4.93
N CYS A 102 0.04 -0.12 5.20
CA CYS A 102 0.39 0.17 6.59
C CYS A 102 -0.08 1.54 7.03
N ILE A 103 -0.14 1.73 8.33
CA ILE A 103 -0.51 3.01 8.90
C ILE A 103 0.36 3.21 10.12
N VAL A 104 0.89 4.41 10.29
CA VAL A 104 1.63 4.72 11.50
C VAL A 104 0.69 5.73 12.16
N ALA A 105 0.29 5.45 13.40
CA ALA A 105 -0.65 6.32 14.09
C ALA A 105 -0.42 6.39 15.59
N ASN A 106 -1.06 7.36 16.24
CA ASN A 106 -0.98 7.48 17.69
C ASN A 106 -2.37 7.10 18.12
N ILE A 107 -2.51 5.89 18.65
CA ILE A 107 -3.80 5.39 19.10
C ILE A 107 -3.92 5.55 20.60
N GLN A 108 -4.71 6.52 21.03
CA GLN A 108 -4.90 6.80 22.45
C GLN A 108 -3.55 7.03 23.14
N GLY A 109 -2.70 7.80 22.48
CA GLY A 109 -1.40 8.10 23.05
C GLY A 109 -0.26 7.15 22.72
N ARG A 110 -0.55 5.95 22.21
CA ARG A 110 0.50 5.00 21.86
C ARG A 110 0.79 5.00 20.36
N GLU A 111 2.02 5.34 19.98
CA GLU A 111 2.41 5.32 18.59
C GLU A 111 2.42 3.85 18.18
N THR A 112 1.68 3.54 17.13
CA THR A 112 1.51 2.17 16.67
C THR A 112 1.68 2.08 15.16
N ILE A 113 2.23 0.97 14.71
CA ILE A 113 2.35 0.72 13.28
C ILE A 113 1.41 -0.45 12.98
N LEU A 114 0.48 -0.24 12.06
CA LEU A 114 -0.46 -1.29 11.67
C LEU A 114 -0.14 -1.74 10.24
N VAL A 115 -0.25 -3.05 10.00
CA VAL A 115 -0.01 -3.63 8.67
C VAL A 115 -1.17 -4.57 8.40
N MET A 116 -1.79 -4.41 7.24
CA MET A 116 -2.91 -5.24 6.88
C MET A 116 -2.60 -5.92 5.55
N VAL A 117 -2.78 -7.24 5.52
CA VAL A 117 -2.53 -8.04 4.31
C VAL A 117 -3.64 -9.06 4.07
N GLY A 118 -3.85 -9.42 2.81
CA GLY A 118 -4.87 -10.40 2.48
C GLY A 118 -4.23 -11.77 2.64
N LYS A 119 -5.03 -12.77 2.99
CA LYS A 119 -4.51 -14.11 3.21
C LYS A 119 -5.35 -15.15 2.48
N TRP A 120 -4.65 -16.04 1.76
CA TRP A 120 -5.28 -17.13 1.01
C TRP A 120 -4.44 -18.39 1.20
N ASN A 121 -5.04 -19.55 0.94
CA ASN A 121 -4.31 -20.80 1.09
C ASN A 121 -4.43 -21.74 -0.10
N ASN A 122 -5.65 -21.99 -0.55
CA ASN A 122 -5.86 -22.94 -1.65
C ASN A 122 -6.33 -22.37 -2.97
N ASN A 123 -6.70 -21.09 -2.98
CA ASN A 123 -7.16 -20.47 -4.23
C ASN A 123 -6.00 -20.40 -5.21
N ASP A 124 -6.20 -20.93 -6.41
CA ASP A 124 -5.13 -20.90 -7.40
C ASP A 124 -5.38 -19.86 -8.48
N LYS A 125 -6.50 -19.16 -8.42
CA LYS A 125 -6.83 -18.14 -9.41
C LYS A 125 -6.81 -16.76 -8.78
N THR A 126 -6.83 -15.72 -9.62
CA THR A 126 -6.80 -14.35 -9.13
C THR A 126 -8.01 -14.10 -8.21
N TRP A 127 -7.83 -13.30 -7.17
CA TRP A 127 -8.91 -13.10 -6.22
C TRP A 127 -10.27 -12.61 -6.78
N GLY A 128 -10.22 -11.88 -7.89
CA GLY A 128 -11.44 -11.37 -8.49
C GLY A 128 -12.29 -12.47 -9.12
N ALA A 129 -11.76 -13.68 -9.20
CA ALA A 129 -12.51 -14.78 -9.79
C ALA A 129 -13.43 -15.49 -8.81
N TYR A 130 -13.33 -15.16 -7.53
CA TYR A 130 -14.14 -15.84 -6.54
C TYR A 130 -15.26 -14.95 -6.08
N ARG A 131 -16.43 -15.14 -6.67
CA ARG A 131 -17.59 -14.31 -6.35
C ARG A 131 -18.84 -15.07 -5.96
N ASP A 132 -18.73 -16.37 -5.75
CA ASP A 132 -19.88 -17.20 -5.39
C ASP A 132 -20.29 -17.11 -3.93
N LYS A 133 -19.31 -16.90 -3.05
CA LYS A 133 -19.57 -16.86 -1.62
C LYS A 133 -19.42 -15.50 -0.99
N ALA A 134 -20.06 -15.33 0.16
CA ALA A 134 -20.00 -14.07 0.88
C ALA A 134 -19.73 -14.31 2.37
N PRO A 135 -18.45 -14.30 2.76
CA PRO A 135 -17.31 -14.09 1.85
C PRO A 135 -16.69 -15.42 1.40
N ASP A 136 -15.68 -15.33 0.54
CA ASP A 136 -14.96 -16.50 0.07
C ASP A 136 -14.36 -17.19 1.30
N THR A 137 -14.52 -18.51 1.38
CA THR A 137 -14.00 -19.24 2.53
C THR A 137 -12.49 -19.37 2.62
N ASP A 138 -11.79 -19.17 1.51
CA ASP A 138 -10.34 -19.28 1.52
C ASP A 138 -9.66 -17.99 1.97
N TRP A 139 -10.42 -16.91 1.89
CA TRP A 139 -9.93 -15.58 2.18
C TRP A 139 -10.02 -15.12 3.60
N ASP A 140 -9.12 -14.22 3.95
CA ASP A 140 -9.13 -13.52 5.22
C ASP A 140 -8.27 -12.27 5.06
N LEU A 141 -8.50 -11.30 5.93
CA LEU A 141 -7.77 -10.03 5.89
C LEU A 141 -7.25 -9.86 7.31
N VAL A 142 -5.94 -9.99 7.48
CA VAL A 142 -5.33 -9.92 8.81
C VAL A 142 -4.61 -8.62 9.07
N LEU A 143 -4.62 -8.24 10.33
CA LEU A 143 -4.02 -6.99 10.79
C LEU A 143 -3.03 -7.30 11.91
N TYR A 144 -1.82 -6.76 11.76
CA TYR A 144 -0.78 -6.92 12.76
C TYR A 144 -0.37 -5.54 13.21
N LYS A 145 0.12 -5.44 14.44
CA LYS A 145 0.54 -4.15 14.96
C LYS A 145 1.87 -4.24 15.66
N SER A 146 2.55 -3.10 15.71
CA SER A 146 3.79 -2.98 16.43
C SER A 146 3.66 -1.76 17.31
N THR A 147 4.04 -1.94 18.57
CA THR A 147 3.94 -0.90 19.56
C THR A 147 5.35 -0.56 20.09
N ASP A 148 6.36 -1.22 19.52
CA ASP A 148 7.74 -1.01 19.90
C ASP A 148 8.65 -0.51 18.76
N ASP A 149 8.12 0.43 17.97
CA ASP A 149 8.84 1.07 16.87
C ASP A 149 9.21 0.16 15.70
N GLY A 150 8.37 -0.84 15.43
CA GLY A 150 8.62 -1.73 14.30
C GLY A 150 9.49 -2.95 14.56
N VAL A 151 9.85 -3.17 15.82
CA VAL A 151 10.71 -4.31 16.17
C VAL A 151 9.95 -5.64 16.19
N THR A 152 8.80 -5.67 16.85
CA THR A 152 8.01 -6.90 16.89
C THR A 152 6.58 -6.60 16.47
N PHE A 153 5.97 -7.57 15.81
CA PHE A 153 4.60 -7.44 15.32
C PHE A 153 3.75 -8.55 15.87
N SER A 154 2.52 -8.23 16.24
CA SER A 154 1.62 -9.25 16.75
C SER A 154 0.25 -9.09 16.11
N LYS A 155 -0.46 -10.19 15.94
CA LYS A 155 -1.79 -10.16 15.33
C LYS A 155 -2.80 -9.46 16.22
N VAL A 156 -3.67 -8.68 15.58
CA VAL A 156 -4.75 -7.97 16.27
C VAL A 156 -6.02 -8.75 15.98
N GLU A 157 -6.75 -9.09 17.04
CA GLU A 157 -8.02 -9.80 16.90
C GLU A 157 -9.02 -8.72 16.59
N THR A 158 -9.49 -8.74 15.36
CA THR A 158 -10.36 -7.73 14.83
C THR A 158 -11.77 -8.23 14.48
N ASN A 159 -12.69 -7.31 14.14
CA ASN A 159 -14.03 -7.71 13.73
C ASN A 159 -14.21 -7.55 12.22
N ILE A 160 -13.10 -7.43 11.50
CA ILE A 160 -13.14 -7.24 10.06
C ILE A 160 -13.87 -8.36 9.30
N HIS A 161 -13.59 -9.60 9.65
CA HIS A 161 -14.26 -10.70 8.96
C HIS A 161 -15.77 -10.61 9.21
N ASP A 162 -16.15 -10.25 10.44
CA ASP A 162 -17.55 -10.12 10.82
C ASP A 162 -18.29 -9.06 10.02
N ILE A 163 -17.70 -7.87 9.89
CA ILE A 163 -18.37 -6.79 9.18
C ILE A 163 -18.52 -7.12 7.70
N VAL A 164 -17.55 -7.85 7.15
CA VAL A 164 -17.63 -8.24 5.76
C VAL A 164 -18.76 -9.25 5.60
N THR A 165 -18.79 -10.26 6.47
CA THR A 165 -19.84 -11.27 6.43
C THR A 165 -21.21 -10.62 6.63
N LYS A 166 -21.32 -9.72 7.61
CA LYS A 166 -22.58 -9.06 7.88
C LYS A 166 -23.09 -8.27 6.68
N ASN A 167 -22.17 -7.64 5.93
CA ASN A 167 -22.56 -6.86 4.75
C ASN A 167 -23.27 -7.77 3.74
N GLY A 168 -22.74 -8.98 3.58
CA GLY A 168 -23.36 -9.96 2.71
C GLY A 168 -23.21 -9.81 1.21
N THR A 169 -22.54 -8.78 0.72
CA THR A 169 -22.39 -8.62 -0.73
C THR A 169 -20.93 -8.50 -1.13
N ILE A 170 -20.06 -8.87 -0.20
CA ILE A 170 -18.62 -8.80 -0.43
C ILE A 170 -18.00 -10.20 -0.39
N SER A 171 -17.31 -10.57 -1.46
CA SER A 171 -16.67 -11.88 -1.54
C SER A 171 -15.31 -11.84 -0.84
N ALA A 172 -14.60 -10.72 -0.99
CA ALA A 172 -13.29 -10.54 -0.37
C ALA A 172 -12.96 -9.07 -0.31
N MET A 173 -12.08 -8.70 0.61
CA MET A 173 -11.67 -7.30 0.78
C MET A 173 -10.16 -7.27 0.98
N LEU A 174 -9.54 -6.19 0.55
CA LEU A 174 -8.10 -6.01 0.65
C LEU A 174 -7.80 -4.54 0.90
N GLY A 175 -6.64 -4.23 1.46
CA GLY A 175 -6.29 -2.84 1.68
C GLY A 175 -6.01 -2.22 0.31
N GLY A 176 -5.97 -0.88 0.25
CA GLY A 176 -5.75 -0.18 -1.00
C GLY A 176 -4.33 -0.25 -1.54
N VAL A 177 -3.43 -0.76 -0.70
CA VAL A 177 -2.00 -0.95 -1.00
C VAL A 177 -1.17 0.32 -0.79
N GLY A 178 -0.12 0.18 0.02
CA GLY A 178 0.74 1.31 0.31
C GLY A 178 0.50 1.76 1.74
N SER A 179 -0.13 2.92 1.90
CA SER A 179 -0.35 3.42 3.24
C SER A 179 -1.77 3.93 3.43
N GLY A 180 -2.23 3.84 4.67
CA GLY A 180 -3.53 4.36 5.05
C GLY A 180 -3.24 5.64 5.81
N LEU A 181 -4.19 6.11 6.62
CA LEU A 181 -3.95 7.35 7.35
C LEU A 181 -4.74 7.49 8.64
N GLN A 182 -4.31 8.43 9.47
CA GLN A 182 -5.00 8.74 10.70
C GLN A 182 -5.56 10.13 10.46
N LEU A 183 -6.87 10.27 10.61
CA LEU A 183 -7.54 11.54 10.40
C LEU A 183 -7.24 12.52 11.53
N ASN A 184 -7.58 13.78 11.29
CA ASN A 184 -7.37 14.83 12.25
C ASN A 184 -8.08 14.54 13.55
N ASP A 185 -9.22 13.89 13.47
CA ASP A 185 -9.97 13.55 14.67
C ASP A 185 -9.42 12.32 15.37
N GLY A 186 -8.37 11.72 14.82
CA GLY A 186 -7.78 10.55 15.44
C GLY A 186 -8.19 9.20 14.88
N LYS A 187 -9.21 9.16 14.03
CA LYS A 187 -9.65 7.88 13.45
C LYS A 187 -8.62 7.31 12.50
N LEU A 188 -8.54 5.98 12.51
CA LEU A 188 -7.64 5.24 11.65
C LEU A 188 -8.46 4.91 10.42
N VAL A 189 -7.89 5.11 9.25
CA VAL A 189 -8.59 4.81 8.01
C VAL A 189 -7.73 4.03 7.02
N PHE A 190 -8.22 2.86 6.63
CA PHE A 190 -7.54 2.05 5.62
C PHE A 190 -8.35 2.11 4.34
N PRO A 191 -7.74 2.56 3.24
CA PRO A 191 -8.55 2.56 2.02
C PRO A 191 -8.69 1.08 1.67
N VAL A 192 -9.80 0.65 1.07
CA VAL A 192 -9.94 -0.76 0.72
C VAL A 192 -10.45 -0.98 -0.69
N GLN A 193 -10.25 -2.20 -1.17
CA GLN A 193 -10.72 -2.64 -2.47
C GLN A 193 -11.64 -3.80 -2.10
N MET A 194 -12.68 -4.03 -2.88
CA MET A 194 -13.54 -5.18 -2.59
C MET A 194 -14.11 -5.80 -3.83
N VAL A 195 -14.18 -7.13 -3.81
CA VAL A 195 -14.75 -7.88 -4.90
C VAL A 195 -16.16 -8.20 -4.38
N ARG A 196 -17.16 -7.81 -5.16
CA ARG A 196 -18.55 -8.02 -4.79
C ARG A 196 -19.03 -9.41 -5.20
N THR A 197 -20.12 -9.86 -4.61
CA THR A 197 -20.66 -11.17 -4.97
C THR A 197 -21.21 -11.13 -6.39
N LYS A 198 -21.32 -12.30 -6.98
CA LYS A 198 -21.79 -12.52 -8.35
C LYS A 198 -23.06 -11.78 -8.76
N ASN A 199 -23.97 -11.58 -7.83
CA ASN A 199 -25.23 -10.90 -8.11
C ASN A 199 -25.10 -9.39 -8.33
N ILE A 200 -24.11 -8.77 -7.68
CA ILE A 200 -23.89 -7.33 -7.81
C ILE A 200 -23.34 -7.04 -9.21
N THR A 201 -23.87 -6.05 -9.90
CA THR A 201 -23.39 -5.76 -11.26
C THR A 201 -21.92 -5.34 -11.28
N THR A 202 -21.54 -4.43 -10.39
CA THR A 202 -20.16 -3.98 -10.33
C THR A 202 -19.32 -5.05 -9.63
N VAL A 203 -18.28 -5.53 -10.31
CA VAL A 203 -17.41 -6.55 -9.76
C VAL A 203 -16.56 -6.02 -8.62
N LEU A 204 -15.99 -4.83 -8.81
CA LEU A 204 -15.13 -4.20 -7.82
C LEU A 204 -15.65 -2.87 -7.34
N ASN A 205 -15.31 -2.52 -6.11
CA ASN A 205 -15.67 -1.23 -5.55
C ASN A 205 -14.54 -0.81 -4.64
N THR A 206 -14.50 0.48 -4.34
CA THR A 206 -13.51 1.02 -3.43
C THR A 206 -14.30 1.65 -2.30
N SER A 207 -13.69 1.70 -1.13
CA SER A 207 -14.31 2.29 0.05
C SER A 207 -13.17 2.39 1.06
N PHE A 208 -13.51 2.34 2.33
CA PHE A 208 -12.51 2.39 3.38
C PHE A 208 -13.14 1.81 4.64
N ILE A 209 -12.29 1.44 5.59
CA ILE A 209 -12.76 0.97 6.88
C ILE A 209 -12.12 1.94 7.87
N TYR A 210 -12.80 2.18 8.98
CA TYR A 210 -12.27 3.09 9.96
C TYR A 210 -12.43 2.53 11.36
N SER A 211 -11.59 3.03 12.26
CA SER A 211 -11.60 2.58 13.63
C SER A 211 -10.98 3.64 14.54
N THR A 212 -11.35 3.59 15.81
CA THR A 212 -10.81 4.52 16.79
C THR A 212 -9.69 3.82 17.55
N ASP A 213 -9.87 2.53 17.85
CA ASP A 213 -8.86 1.79 18.58
C ASP A 213 -7.99 0.82 17.80
N GLY A 214 -8.33 0.59 16.52
CA GLY A 214 -7.55 -0.36 15.74
C GLY A 214 -8.03 -1.81 15.91
N ILE A 215 -9.04 -2.01 16.75
CA ILE A 215 -9.60 -3.33 17.02
C ILE A 215 -11.00 -3.49 16.40
N THR A 216 -11.89 -2.55 16.70
CA THR A 216 -13.24 -2.58 16.15
C THR A 216 -13.29 -1.66 14.92
N TRP A 217 -13.61 -2.24 13.77
CA TRP A 217 -13.69 -1.51 12.52
C TRP A 217 -15.10 -1.37 11.98
N SER A 218 -15.29 -0.38 11.13
CA SER A 218 -16.59 -0.12 10.52
C SER A 218 -16.44 0.14 9.03
N LEU A 219 -17.49 -0.18 8.29
CA LEU A 219 -17.56 0.04 6.86
C LEU A 219 -18.65 1.06 6.65
N PRO A 220 -18.40 2.09 5.83
CA PRO A 220 -19.49 3.05 5.62
C PRO A 220 -20.55 2.38 4.71
N SER A 221 -21.71 3.03 4.60
CA SER A 221 -22.82 2.50 3.82
C SER A 221 -22.68 2.55 2.31
N GLY A 222 -21.95 3.54 1.80
CA GLY A 222 -21.80 3.66 0.37
C GLY A 222 -20.59 2.98 -0.22
N TYR A 223 -20.47 3.05 -1.54
CA TYR A 223 -19.37 2.44 -2.27
C TYR A 223 -18.91 3.40 -3.36
N CYS A 224 -17.62 3.41 -3.64
CA CYS A 224 -17.11 4.24 -4.71
C CYS A 224 -16.87 3.28 -5.89
N GLU A 225 -16.91 3.80 -7.12
CA GLU A 225 -16.68 2.96 -8.29
C GLU A 225 -15.32 2.28 -8.14
N GLY A 226 -15.20 1.08 -8.68
CA GLY A 226 -13.98 0.32 -8.52
C GLY A 226 -12.78 0.59 -9.39
N PHE A 227 -12.98 0.69 -10.70
CA PHE A 227 -11.86 0.89 -11.64
C PHE A 227 -10.80 -0.21 -11.38
N GLY A 228 -9.54 0.18 -11.20
CA GLY A 228 -8.49 -0.79 -10.95
C GLY A 228 -8.31 -1.07 -9.47
N SER A 229 -9.30 -0.61 -8.70
CA SER A 229 -9.45 -0.74 -7.24
C SER A 229 -8.34 -0.35 -6.26
N GLU A 230 -7.07 -0.57 -6.60
CA GLU A 230 -6.01 -0.15 -5.68
C GLU A 230 -6.15 1.36 -5.54
N ASN A 231 -6.07 1.86 -4.32
CA ASN A 231 -6.24 3.28 -4.09
C ASN A 231 -5.70 3.75 -2.74
N ASN A 232 -5.50 5.06 -2.63
CA ASN A 232 -5.07 5.70 -1.40
C ASN A 232 -6.08 6.80 -1.14
N ILE A 233 -6.20 7.20 0.12
CA ILE A 233 -7.13 8.25 0.52
C ILE A 233 -6.32 9.33 1.24
N ILE A 234 -6.74 10.58 1.05
CA ILE A 234 -6.11 11.71 1.73
C ILE A 234 -7.25 12.50 2.37
N GLU A 235 -6.95 13.25 3.41
CA GLU A 235 -7.96 14.05 4.09
C GLU A 235 -7.76 15.47 3.58
N PHE A 236 -8.83 16.11 3.11
CA PHE A 236 -8.72 17.46 2.59
C PHE A 236 -9.93 18.23 3.10
N ASN A 237 -9.69 19.06 4.12
CA ASN A 237 -10.76 19.85 4.75
C ASN A 237 -11.74 18.86 5.37
N ALA A 238 -13.02 18.98 5.03
CA ALA A 238 -14.03 18.09 5.58
C ALA A 238 -14.33 16.95 4.63
N SER A 239 -13.36 16.56 3.82
CA SER A 239 -13.58 15.48 2.87
C SER A 239 -12.49 14.44 2.90
N LEU A 240 -12.82 13.28 2.37
CA LEU A 240 -11.87 12.21 2.20
C LEU A 240 -11.85 12.11 0.69
N VAL A 241 -10.66 12.06 0.11
CA VAL A 241 -10.51 12.00 -1.34
C VAL A 241 -9.61 10.83 -1.65
N ASN A 242 -10.03 9.99 -2.61
CA ASN A 242 -9.23 8.84 -2.98
C ASN A 242 -8.54 9.07 -4.33
N ASN A 243 -7.56 8.22 -4.62
CA ASN A 243 -6.81 8.32 -5.87
C ASN A 243 -6.66 6.84 -6.26
N ILE A 244 -7.39 6.49 -7.30
CA ILE A 244 -7.53 5.11 -7.78
C ILE A 244 -6.85 4.69 -9.07
N ARG A 245 -6.33 3.46 -9.05
CA ARG A 245 -5.69 2.85 -10.20
C ARG A 245 -6.76 2.66 -11.27
N ASN A 246 -6.36 2.84 -12.52
CA ASN A 246 -7.27 2.66 -13.65
C ASN A 246 -6.42 2.50 -14.90
N SER A 247 -6.82 1.63 -15.82
CA SER A 247 -6.09 1.46 -17.06
C SER A 247 -6.22 2.81 -17.74
N GLY A 248 -5.11 3.50 -17.97
CA GLY A 248 -5.19 4.81 -18.58
C GLY A 248 -5.10 5.90 -17.52
N LEU A 249 -6.06 6.81 -17.49
CA LEU A 249 -6.03 7.90 -16.52
C LEU A 249 -6.57 7.50 -15.15
N ARG A 250 -5.83 7.90 -14.10
CA ARG A 250 -6.24 7.62 -12.72
C ARG A 250 -7.52 8.36 -12.41
N ARG A 251 -8.27 7.83 -11.46
CA ARG A 251 -9.51 8.44 -11.06
C ARG A 251 -9.41 8.93 -9.61
N SER A 252 -10.16 9.98 -9.29
CA SER A 252 -10.14 10.54 -7.95
C SER A 252 -11.53 11.01 -7.61
N PHE A 253 -12.02 10.55 -6.46
CA PHE A 253 -13.36 10.89 -5.98
C PHE A 253 -13.29 11.46 -4.58
N GLU A 254 -14.33 12.18 -4.19
CA GLU A 254 -14.37 12.81 -2.88
C GLU A 254 -15.65 12.47 -2.15
N THR A 255 -15.57 12.31 -0.83
CA THR A 255 -16.77 12.08 -0.02
C THR A 255 -16.84 13.23 0.95
N LYS A 256 -18.01 13.82 1.08
CA LYS A 256 -18.22 14.90 2.03
C LYS A 256 -19.13 14.41 3.15
N ASP A 257 -19.62 13.17 3.03
CA ASP A 257 -20.51 12.61 4.05
C ASP A 257 -19.98 11.32 4.65
N PHE A 258 -18.66 11.23 4.76
CA PHE A 258 -17.97 10.07 5.32
C PHE A 258 -18.32 8.69 4.70
N GLY A 259 -18.15 8.57 3.39
CA GLY A 259 -18.40 7.31 2.73
C GLY A 259 -19.80 6.96 2.28
N LYS A 260 -20.74 7.88 2.38
CA LYS A 260 -22.10 7.58 1.92
C LYS A 260 -22.24 7.79 0.41
N THR A 261 -21.72 8.90 -0.10
CA THR A 261 -21.79 9.18 -1.54
C THR A 261 -20.42 9.73 -1.96
N TRP A 262 -20.02 9.48 -3.21
CA TRP A 262 -18.74 9.95 -3.72
C TRP A 262 -18.98 10.68 -5.03
N THR A 263 -18.23 11.76 -5.27
CA THR A 263 -18.34 12.50 -6.53
C THR A 263 -16.92 12.78 -7.05
N GLU A 264 -16.77 12.95 -8.35
CA GLU A 264 -15.45 13.21 -8.92
C GLU A 264 -14.77 14.39 -8.24
N PHE A 265 -13.47 14.27 -8.03
CA PHE A 265 -12.67 15.34 -7.42
C PHE A 265 -11.82 15.90 -8.55
N PRO A 266 -12.25 17.02 -9.15
CA PRO A 266 -11.54 17.65 -10.27
C PRO A 266 -10.02 17.90 -10.15
N PRO A 267 -9.53 18.38 -9.00
CA PRO A 267 -8.08 18.62 -8.88
C PRO A 267 -7.16 17.44 -9.18
N MET A 268 -7.63 16.21 -8.93
CA MET A 268 -6.80 15.02 -9.18
C MET A 268 -7.42 14.03 -10.17
N ASP A 269 -8.70 14.18 -10.48
CA ASP A 269 -9.34 13.25 -11.39
C ASP A 269 -8.81 13.35 -12.81
N LYS A 270 -8.37 12.21 -13.35
CA LYS A 270 -7.84 12.11 -14.71
C LYS A 270 -6.63 12.98 -15.01
N LYS A 271 -5.81 13.24 -13.99
CA LYS A 271 -4.62 14.07 -14.16
C LYS A 271 -3.33 13.33 -14.53
N VAL A 272 -3.20 12.09 -14.09
CA VAL A 272 -2.00 11.31 -14.37
C VAL A 272 -2.38 10.08 -15.18
N ASP A 273 -1.60 9.81 -16.24
CA ASP A 273 -1.82 8.69 -17.12
C ASP A 273 -0.82 7.56 -16.87
N ASN A 274 -1.33 6.38 -16.52
CA ASN A 274 -0.47 5.21 -16.28
C ASN A 274 -0.53 4.25 -17.44
N ARG A 275 -1.32 4.61 -18.43
CA ARG A 275 -1.47 3.81 -19.64
C ARG A 275 -1.97 2.40 -19.40
N ASN A 276 -1.71 1.51 -20.37
CA ASN A 276 -2.19 0.15 -20.31
C ASN A 276 -2.11 -0.58 -18.99
N HIS A 277 -3.23 -1.17 -18.61
CA HIS A 277 -3.41 -1.96 -17.38
C HIS A 277 -3.45 -1.16 -16.09
N GLY A 278 -2.82 0.02 -16.07
CA GLY A 278 -2.77 0.82 -14.87
C GLY A 278 -1.77 0.25 -13.87
N VAL A 279 -1.50 0.98 -12.80
CA VAL A 279 -0.58 0.53 -11.75
C VAL A 279 -1.07 1.12 -10.47
N GLN A 280 -0.61 0.55 -9.37
CA GLN A 280 -0.88 1.06 -8.05
C GLN A 280 -0.07 2.36 -7.96
N GLY A 281 -0.57 3.30 -7.17
CA GLY A 281 0.12 4.56 -6.99
C GLY A 281 -0.04 4.98 -5.54
N SER A 282 0.89 5.80 -5.06
CA SER A 282 0.89 6.28 -3.68
C SER A 282 0.54 7.76 -3.69
N THR A 283 -0.40 8.17 -2.85
CA THR A 283 -0.83 9.56 -2.78
C THR A 283 -0.92 9.96 -1.34
N ILE A 284 -0.22 11.04 -1.00
CA ILE A 284 -0.23 11.55 0.37
C ILE A 284 -0.31 13.06 0.34
N THR A 285 -0.58 13.70 1.48
CA THR A 285 -0.62 15.16 1.54
C THR A 285 0.60 15.65 2.31
N ILE A 286 1.05 16.85 1.95
CA ILE A 286 2.18 17.48 2.60
C ILE A 286 1.70 18.89 2.94
N PRO A 287 1.83 19.30 4.22
CA PRO A 287 1.39 20.65 4.58
C PRO A 287 2.38 21.72 4.13
N SER A 288 1.89 22.90 3.82
CA SER A 288 2.74 24.03 3.45
C SER A 288 1.98 25.25 3.93
N GLY A 289 2.47 25.83 5.03
CA GLY A 289 1.78 26.97 5.60
C GLY A 289 0.48 26.42 6.14
N ASN A 290 -0.63 27.09 5.85
CA ASN A 290 -1.91 26.57 6.33
C ASN A 290 -2.65 25.88 5.20
N LYS A 291 -1.91 25.51 4.16
CA LYS A 291 -2.51 24.82 3.02
C LYS A 291 -1.97 23.40 2.89
N LEU A 292 -2.49 22.67 1.90
CA LEU A 292 -2.12 21.28 1.65
C LEU A 292 -1.73 21.11 0.19
N VAL A 293 -0.82 20.16 -0.05
CA VAL A 293 -0.38 19.82 -1.40
C VAL A 293 -0.36 18.29 -1.44
N ALA A 294 -0.77 17.70 -2.55
CA ALA A 294 -0.74 16.24 -2.65
C ALA A 294 0.45 15.78 -3.47
N ALA A 295 1.22 14.84 -2.91
CA ALA A 295 2.38 14.25 -3.59
C ALA A 295 1.90 12.88 -4.07
N HIS A 296 2.33 12.47 -5.25
CA HIS A 296 1.88 11.20 -5.80
C HIS A 296 2.96 10.48 -6.58
N SER A 297 3.00 9.16 -6.46
CA SER A 297 3.96 8.40 -7.24
C SER A 297 3.26 7.27 -7.99
N SER A 298 3.63 7.10 -9.26
CA SER A 298 3.11 6.03 -10.11
C SER A 298 3.94 6.02 -11.37
N ALA A 299 3.80 4.96 -12.16
CA ALA A 299 4.61 4.80 -13.38
C ALA A 299 4.05 5.45 -14.64
N GLN A 300 4.95 6.07 -15.40
CA GLN A 300 4.55 6.68 -16.65
C GLN A 300 4.21 5.59 -17.68
N ASN A 301 4.85 4.43 -17.56
CA ASN A 301 4.60 3.29 -18.44
C ASN A 301 4.76 3.65 -19.91
N LYS A 302 5.96 4.11 -20.25
CA LYS A 302 6.26 4.51 -21.63
C LYS A 302 6.08 3.41 -22.68
N ASN A 303 6.20 2.14 -22.28
CA ASN A 303 6.03 1.03 -23.23
C ASN A 303 4.58 0.59 -23.35
N ASN A 304 3.71 1.25 -22.60
CA ASN A 304 2.28 0.97 -22.63
C ASN A 304 1.99 -0.52 -22.41
N ASP A 305 2.61 -1.10 -21.39
CA ASP A 305 2.43 -2.52 -21.11
C ASP A 305 2.74 -2.85 -19.64
N TYR A 306 3.00 -4.12 -19.34
CA TYR A 306 3.30 -4.53 -17.96
C TYR A 306 4.67 -4.14 -17.44
N THR A 307 5.53 -3.54 -18.29
CA THR A 307 6.86 -3.14 -17.83
C THR A 307 6.82 -1.90 -16.94
N ARG A 308 5.74 -1.13 -17.03
CA ARG A 308 5.54 0.04 -16.16
C ARG A 308 6.80 0.86 -15.88
N SER A 309 7.40 1.39 -16.95
CA SER A 309 8.61 2.17 -16.81
C SER A 309 8.40 3.53 -16.15
N ASP A 310 9.52 4.12 -15.72
CA ASP A 310 9.52 5.46 -15.20
C ASP A 310 8.59 5.76 -14.02
N ILE A 311 8.92 5.21 -12.87
CA ILE A 311 8.13 5.47 -11.67
C ILE A 311 8.48 6.91 -11.31
N SER A 312 7.45 7.76 -11.26
CA SER A 312 7.64 9.16 -11.03
C SER A 312 6.87 9.79 -9.88
N LEU A 313 7.38 10.94 -9.44
CA LEU A 313 6.82 11.73 -8.36
C LEU A 313 6.16 12.95 -8.98
N TYR A 314 4.91 13.16 -8.63
CA TYR A 314 4.09 14.27 -9.11
C TYR A 314 3.57 15.09 -7.93
N ALA A 315 3.31 16.36 -8.21
CA ALA A 315 2.74 17.27 -7.21
C ALA A 315 1.37 17.64 -7.77
N HIS A 316 0.37 17.62 -6.91
CA HIS A 316 -0.98 17.95 -7.31
C HIS A 316 -1.40 19.19 -6.55
N ASN A 317 -1.75 20.25 -7.29
CA ASN A 317 -2.23 21.47 -6.67
C ASN A 317 -3.71 21.23 -6.41
N LEU A 318 -4.04 21.01 -5.14
CA LEU A 318 -5.41 20.74 -4.73
C LEU A 318 -6.38 21.91 -4.89
N TYR A 319 -5.84 23.10 -5.13
CA TYR A 319 -6.65 24.29 -5.28
C TYR A 319 -6.91 24.66 -6.74
N SER A 320 -5.85 24.66 -7.54
CA SER A 320 -5.96 25.00 -8.94
C SER A 320 -6.19 23.80 -9.85
N GLY A 321 -5.76 22.62 -9.39
CA GLY A 321 -5.90 21.42 -10.19
C GLY A 321 -4.69 21.17 -11.08
N GLU A 322 -3.66 22.00 -10.93
CA GLU A 322 -2.46 21.83 -11.72
C GLU A 322 -1.68 20.59 -11.26
N VAL A 323 -0.98 19.95 -12.19
CA VAL A 323 -0.17 18.77 -11.89
C VAL A 323 1.20 19.03 -12.49
N LYS A 324 2.25 18.60 -11.81
CA LYS A 324 3.61 18.78 -12.29
C LYS A 324 4.44 17.57 -11.96
N LEU A 325 5.25 17.12 -12.92
CA LEU A 325 6.16 16.01 -12.71
C LEU A 325 7.32 16.64 -11.94
N ILE A 326 7.64 16.10 -10.78
CA ILE A 326 8.72 16.62 -9.96
C ILE A 326 10.01 15.87 -10.18
N ASP A 327 9.93 14.54 -10.26
CA ASP A 327 11.12 13.72 -10.44
C ASP A 327 10.77 12.32 -10.90
N ASP A 328 11.41 11.88 -11.98
CA ASP A 328 11.24 10.53 -12.51
C ASP A 328 12.35 9.78 -11.78
N PHE A 329 12.05 9.34 -10.56
CA PHE A 329 13.05 8.69 -9.73
C PHE A 329 13.50 7.29 -10.13
N TYR A 330 12.70 6.59 -10.93
CA TYR A 330 13.13 5.28 -11.43
C TYR A 330 12.82 5.31 -12.91
N PRO A 331 13.66 6.01 -13.69
CA PRO A 331 13.47 6.15 -15.13
C PRO A 331 13.96 4.93 -15.90
N LYS A 332 13.46 3.78 -15.50
CA LYS A 332 13.85 2.54 -16.14
C LYS A 332 12.63 1.69 -16.46
N VAL A 333 12.81 0.79 -17.42
CA VAL A 333 11.78 -0.14 -17.83
C VAL A 333 11.82 -1.23 -16.77
N GLY A 334 10.66 -1.55 -16.21
CA GLY A 334 10.62 -2.58 -15.19
C GLY A 334 10.49 -3.98 -15.73
N ASN A 335 10.54 -4.94 -14.83
CA ASN A 335 10.42 -6.35 -15.16
C ASN A 335 8.92 -6.66 -15.32
N ALA A 336 8.52 -7.13 -16.50
CA ALA A 336 7.13 -7.43 -16.78
C ALA A 336 6.53 -8.49 -15.86
N SER A 337 7.40 -9.25 -15.19
CA SER A 337 6.95 -10.26 -14.21
C SER A 337 6.25 -9.61 -13.01
N GLY A 338 6.51 -8.33 -12.79
CA GLY A 338 5.91 -7.62 -11.68
C GLY A 338 6.72 -6.37 -11.46
N ALA A 339 6.14 -5.21 -11.74
CA ALA A 339 6.89 -3.96 -11.63
C ALA A 339 6.00 -2.78 -11.38
N GLY A 340 6.64 -1.63 -11.16
CA GLY A 340 5.95 -0.37 -11.02
C GLY A 340 5.37 0.14 -9.72
N TYR A 341 5.20 -0.70 -8.71
CA TYR A 341 4.62 -0.25 -7.45
C TYR A 341 5.55 0.66 -6.62
N SER A 342 4.93 1.50 -5.78
CA SER A 342 5.70 2.40 -4.94
C SER A 342 4.93 2.87 -3.71
N CYS A 343 5.65 3.47 -2.78
CA CYS A 343 5.03 4.00 -1.59
C CYS A 343 5.83 5.19 -1.08
N LEU A 344 5.15 6.31 -0.91
CA LEU A 344 5.75 7.53 -0.41
C LEU A 344 5.50 7.61 1.10
N SER A 345 6.37 8.35 1.79
CA SER A 345 6.22 8.56 3.21
C SER A 345 6.81 9.92 3.56
N TYR A 346 5.94 10.79 4.06
CA TYR A 346 6.34 12.12 4.48
C TYR A 346 6.19 12.21 5.98
N ARG A 347 7.09 12.94 6.61
CA ARG A 347 7.00 13.11 8.04
C ARG A 347 7.76 14.37 8.45
N LYS A 348 7.23 15.06 9.45
CA LYS A 348 7.91 16.22 9.99
C LYS A 348 8.07 15.88 11.46
N ASN A 349 9.29 15.57 11.87
CA ASN A 349 9.55 15.25 13.26
C ASN A 349 10.23 16.48 13.82
N VAL A 350 9.57 17.11 14.79
CA VAL A 350 10.02 18.37 15.39
C VAL A 350 10.21 19.35 14.23
N ASP A 351 11.42 19.64 13.81
CA ASP A 351 11.56 20.55 12.69
C ASP A 351 12.16 19.91 11.44
N LYS A 352 12.37 18.59 11.50
CA LYS A 352 12.94 17.88 10.35
C LYS A 352 11.90 17.24 9.46
N GLU A 353 11.91 17.63 8.18
CA GLU A 353 10.98 17.10 7.20
C GLU A 353 11.69 16.11 6.29
N THR A 354 11.06 14.97 6.06
CA THR A 354 11.61 13.95 5.20
C THR A 354 10.54 13.45 4.24
N LEU A 355 10.96 13.17 3.01
CA LEU A 355 10.08 12.61 2.01
C LEU A 355 10.86 11.44 1.43
N TYR A 356 10.36 10.23 1.68
CA TYR A 356 11.00 9.00 1.21
C TYR A 356 10.07 8.23 0.26
N VAL A 357 10.67 7.39 -0.59
CA VAL A 357 9.90 6.51 -1.48
C VAL A 357 10.57 5.16 -1.41
N VAL A 358 9.75 4.14 -1.64
CA VAL A 358 10.22 2.78 -1.71
C VAL A 358 9.51 2.29 -2.99
N TYR A 359 10.20 1.52 -3.82
CA TYR A 359 9.59 1.09 -5.08
C TYR A 359 10.20 -0.21 -5.62
N GLU A 360 9.49 -0.80 -6.58
CA GLU A 360 9.91 -2.05 -7.22
C GLU A 360 10.97 -1.79 -8.27
N ALA A 361 12.04 -2.56 -8.19
CA ALA A 361 13.16 -2.42 -9.09
C ALA A 361 13.70 -3.80 -9.47
N ASN A 362 13.16 -4.34 -10.56
CA ASN A 362 13.57 -5.65 -11.09
C ASN A 362 13.63 -6.77 -10.05
N GLY A 363 12.56 -6.90 -9.27
CA GLY A 363 12.50 -7.94 -8.26
C GLY A 363 12.98 -7.52 -6.89
N SER A 364 13.69 -6.39 -6.79
CA SER A 364 14.19 -5.88 -5.52
C SER A 364 13.34 -4.69 -5.12
N ILE A 365 13.47 -4.27 -3.88
CA ILE A 365 12.76 -3.09 -3.38
C ILE A 365 13.83 -2.07 -3.08
N GLU A 366 13.76 -0.91 -3.74
CA GLU A 366 14.74 0.15 -3.51
C GLU A 366 14.11 1.29 -2.73
N PHE A 367 14.98 2.06 -2.07
CA PHE A 367 14.62 3.21 -1.26
C PHE A 367 15.37 4.43 -1.77
N GLN A 368 14.71 5.58 -1.74
CA GLN A 368 15.32 6.84 -2.14
C GLN A 368 14.81 7.94 -1.23
N ASP A 369 15.71 8.84 -0.87
CA ASP A 369 15.35 9.99 -0.05
C ASP A 369 15.06 11.10 -1.05
N LEU A 370 13.81 11.53 -1.11
CA LEU A 370 13.39 12.58 -2.03
C LEU A 370 13.22 13.94 -1.36
N SER A 371 13.73 14.08 -0.15
CA SER A 371 13.58 15.32 0.60
C SER A 371 14.03 16.60 -0.11
N ARG A 372 15.01 16.49 -1.00
CA ARG A 372 15.48 17.68 -1.70
C ARG A 372 14.37 18.28 -2.53
N HIS A 373 13.35 17.49 -2.84
CA HIS A 373 12.25 17.97 -3.65
C HIS A 373 11.14 18.69 -2.89
N LEU A 374 11.19 18.67 -1.56
CA LEU A 374 10.15 19.30 -0.75
C LEU A 374 9.87 20.78 -1.03
N PRO A 375 10.90 21.62 -1.23
CA PRO A 375 10.57 23.02 -1.51
C PRO A 375 9.71 23.18 -2.75
N VAL A 376 10.01 22.40 -3.78
CA VAL A 376 9.27 22.50 -5.03
C VAL A 376 7.84 22.00 -4.85
N ILE A 377 7.69 20.88 -4.17
CA ILE A 377 6.36 20.32 -3.93
C ILE A 377 5.53 21.28 -3.10
N LYS A 378 6.12 21.77 -2.01
CA LYS A 378 5.43 22.67 -1.08
C LYS A 378 5.00 24.00 -1.66
N SER A 379 5.56 24.37 -2.81
CA SER A 379 5.21 25.64 -3.43
C SER A 379 4.00 25.49 -4.35
N TYR A 380 3.61 24.23 -4.60
CA TYR A 380 2.47 23.92 -5.47
C TYR A 380 1.11 24.05 -4.80
N ASN A 381 0.73 25.26 -4.44
CA ASN A 381 -0.55 25.52 -3.80
C ASN A 381 -1.05 26.91 -4.15
K K B . -2.65 -9.55 -11.27
P1 EQP C . -0.37 -6.46 -10.81
C2 EQP C . -1.11 -6.76 -9.23
C3 EQP C . -0.21 -7.44 -8.19
C4 EQP C . -0.99 -7.71 -6.88
C5 EQP C . -2.30 -8.47 -7.20
C6 EQP C . -3.12 -7.61 -8.19
C7 EQP C . -4.48 -8.11 -8.59
C8 EQP C . -5.08 -7.12 -9.63
C9 EQP C . -6.44 -7.62 -10.10
C10 EQP C . -3.75 -9.78 -5.76
C11 EQP C . -4.37 -9.93 -4.39
N5 EQP C . -2.98 -8.70 -5.94
O1P EQP C . 1.02 -6.06 -10.75
O2P EQP C . -0.29 -7.88 -11.48
O3P EQP C . -1.23 -5.47 -11.54
O4 EQP C . -0.20 -8.48 -5.98
O6 EQP C . -2.31 -7.47 -9.39
O7 EQP C . -4.37 -9.41 -9.10
O8 EQP C . -5.20 -5.84 -9.03
O9 EQP C . -7.32 -7.69 -8.98
O10 EQP C . -4.01 -10.55 -6.69
#